data_6VOX
#
_entry.id   6VOX
#
_cell.length_a   170.350
_cell.length_b   170.350
_cell.length_c   131.000
_cell.angle_alpha   90.00
_cell.angle_beta   90.00
_cell.angle_gamma   120.00
#
_symmetry.space_group_name_H-M   'P 62 2 2'
#
loop_
_entity.id
_entity.type
_entity.pdbx_description
1 polymer 'Copper oxidase'
2 non-polymer 'CU-O-CU LINKAGE'
3 non-polymer 'COPPER (II) ION'
#
_entity_poly.entity_id   1
_entity_poly.type   'polypeptide(L)'
_entity_poly.pdbx_seq_one_letter_code
;HDYELIAAPLDVELVPGFKTEAWAFGPSAPGTELRVRQGTWLRVRFINHLPVETTIHWHGIRLPLEMDGVPYVSQLPVKP
GEFFDYKFRVPDAGSYWYHPHVSSSEELGRGLVGPLIVEEREPTGFLHERTLSLKTWHVDEQGAFMPFSVPREAARNGTA
GRLITINGQAESVTELPAGQVVRVRLLNLDNTWTYRINLKGNCEAKVYALDGNPVTPRPLEDEYWLGPGMRICLAIRIPE
AGEEISLRDGFVRLGTLRSVASSEAPGNWPKALPPNPIAEPDLEKAEKLNFNFEWAGKVSVDTDNGRPPSLWQINGQAWD
ITDKTCADRPIATLKKGKSYIFELKNMTQYQHPIHLHGMSFKVIASNRHKITEPWFTDTYLLGRNERAQVALVADNPGTW
MFHCHVIDHMETGLMAAIAV
;
_entity_poly.pdbx_strand_id   A
#
loop_
_chem_comp.id
_chem_comp.type
_chem_comp.name
_chem_comp.formula
C2O non-polymer 'CU-O-CU LINKAGE' 'Cu2 O'
CU non-polymer 'COPPER (II) ION' 'Cu 2'
#
# COMPACT_ATOMS: atom_id res chain seq x y z
N HIS A 1 -3.71 -11.38 -20.58
CA HIS A 1 -4.67 -11.30 -19.43
C HIS A 1 -5.58 -10.05 -19.48
N ASP A 2 -6.77 -10.23 -20.07
CA ASP A 2 -7.71 -9.14 -20.42
C ASP A 2 -8.96 -9.11 -19.54
N TYR A 3 -9.22 -7.98 -18.85
CA TYR A 3 -10.17 -7.96 -17.73
C TYR A 3 -11.24 -6.84 -17.69
N GLU A 4 -12.25 -7.08 -16.83
CA GLU A 4 -13.48 -6.29 -16.75
C GLU A 4 -13.35 -5.05 -15.81
N LEU A 5 -14.37 -4.78 -14.98
CA LEU A 5 -14.33 -3.96 -13.70
C LEU A 5 -15.35 -2.81 -13.57
N ILE A 6 -16.28 -2.91 -12.62
CA ILE A 6 -17.19 -1.79 -12.27
C ILE A 6 -16.55 -0.93 -11.18
N ALA A 7 -16.86 0.37 -11.20
CA ALA A 7 -16.86 1.17 -9.99
C ALA A 7 -18.33 1.32 -9.66
N ALA A 8 -18.80 0.39 -8.83
CA ALA A 8 -20.22 0.20 -8.54
C ALA A 8 -20.54 0.88 -7.21
N PRO A 9 -21.44 1.89 -7.21
CA PRO A 9 -21.82 2.48 -5.93
C PRO A 9 -22.63 1.49 -5.09
N LEU A 10 -21.91 0.67 -4.32
CA LEU A 10 -22.52 -0.46 -3.61
C LEU A 10 -22.96 -0.16 -2.17
N ASP A 11 -24.29 -0.22 -2.01
CA ASP A 11 -24.90 -0.41 -0.72
C ASP A 11 -24.54 -1.83 -0.30
N VAL A 12 -23.69 -1.95 0.74
CA VAL A 12 -23.38 -3.26 1.35
C VAL A 12 -23.44 -3.19 2.89
N GLU A 13 -23.93 -4.30 3.47
CA GLU A 13 -24.07 -4.49 4.90
C GLU A 13 -22.69 -4.54 5.55
N LEU A 14 -22.17 -3.37 5.88
CA LEU A 14 -20.84 -3.29 6.49
C LEU A 14 -21.01 -3.45 7.99
N VAL A 15 -21.71 -2.50 8.61
CA VAL A 15 -22.00 -2.56 10.04
C VAL A 15 -22.97 -3.71 10.21
N PRO A 16 -22.60 -4.78 10.95
CA PRO A 16 -23.50 -5.93 11.03
C PRO A 16 -24.96 -5.51 11.30
N GLY A 17 -25.81 -5.75 10.30
CA GLY A 17 -27.19 -5.26 10.29
C GLY A 17 -27.26 -3.75 10.16
N PHE A 18 -26.98 -3.25 8.96
CA PHE A 18 -27.05 -1.80 8.64
C PHE A 18 -26.79 -1.43 7.16
N LYS A 19 -26.80 -0.12 6.88
CA LYS A 19 -26.64 0.45 5.53
C LYS A 19 -25.16 0.41 5.12
N THR A 20 -24.82 1.21 4.11
CA THR A 20 -23.49 1.83 3.91
C THR A 20 -23.33 2.26 2.42
N GLU A 21 -23.31 3.58 2.21
CA GLU A 21 -23.57 4.27 0.92
C GLU A 21 -22.34 4.37 0.01
N ALA A 22 -21.67 3.23 -0.20
CA ALA A 22 -20.25 3.22 -0.56
C ALA A 22 -19.95 3.14 -2.05
N TRP A 23 -18.68 3.38 -2.41
CA TRP A 23 -18.15 3.30 -3.77
C TRP A 23 -17.03 2.26 -3.83
N ALA A 24 -17.37 1.04 -4.29
CA ALA A 24 -16.42 -0.08 -4.36
C ALA A 24 -15.73 -0.14 -5.74
N PHE A 25 -14.64 -0.91 -5.81
CA PHE A 25 -14.11 -1.36 -7.10
C PHE A 25 -14.79 -2.69 -7.42
N GLY A 26 -16.05 -2.58 -7.86
CA GLY A 26 -16.87 -3.72 -8.20
C GLY A 26 -17.59 -4.24 -6.97
N PRO A 27 -17.39 -5.53 -6.62
CA PRO A 27 -17.88 -6.13 -5.38
C PRO A 27 -16.81 -6.27 -4.27
N SER A 28 -17.15 -7.02 -3.21
CA SER A 28 -16.27 -7.36 -2.06
C SER A 28 -15.21 -6.32 -1.66
N ALA A 29 -15.62 -5.04 -1.63
CA ALA A 29 -14.70 -3.95 -1.29
C ALA A 29 -14.35 -3.94 0.21
N PRO A 30 -13.09 -3.67 0.56
CA PRO A 30 -12.02 -3.19 -0.32
C PRO A 30 -11.77 -3.98 -1.64
N GLY A 31 -12.16 -3.38 -2.77
CA GLY A 31 -12.04 -3.94 -4.13
C GLY A 31 -12.21 -5.43 -4.45
N THR A 32 -12.16 -5.71 -5.76
CA THR A 32 -12.13 -7.07 -6.29
C THR A 32 -10.68 -7.43 -6.48
N GLU A 33 -10.32 -8.68 -6.20
CA GLU A 33 -8.91 -9.08 -6.21
C GLU A 33 -8.40 -9.31 -7.62
N LEU A 34 -7.16 -8.90 -7.84
CA LEU A 34 -6.50 -8.98 -9.13
C LEU A 34 -5.43 -10.04 -9.08
N ARG A 35 -5.47 -10.95 -10.06
CA ARG A 35 -4.41 -11.91 -10.28
C ARG A 35 -3.99 -11.78 -11.74
N VAL A 36 -2.70 -11.52 -11.93
CA VAL A 36 -2.07 -11.56 -13.24
C VAL A 36 -0.79 -12.39 -13.10
N ARG A 37 -0.37 -13.03 -14.19
CA ARG A 37 0.96 -13.62 -14.27
C ARG A 37 1.96 -12.46 -14.29
N GLN A 38 3.18 -12.70 -13.81
CA GLN A 38 4.24 -11.68 -13.84
C GLN A 38 4.71 -11.45 -15.28
N GLY A 39 3.94 -10.65 -16.02
CA GLY A 39 4.24 -10.38 -17.43
C GLY A 39 3.19 -9.63 -18.24
N THR A 40 2.13 -10.34 -18.67
CA THR A 40 1.18 -9.83 -19.67
C THR A 40 0.79 -8.39 -19.35
N TRP A 41 1.13 -7.48 -20.27
CA TRP A 41 0.61 -6.12 -20.25
C TRP A 41 -0.85 -6.24 -19.85
N LEU A 42 -1.13 -6.06 -18.57
CA LEU A 42 -2.39 -6.51 -18.01
C LEU A 42 -3.52 -5.63 -18.53
N ARG A 43 -4.32 -6.19 -19.45
CA ARG A 43 -5.37 -5.43 -20.15
C ARG A 43 -6.57 -5.28 -19.25
N VAL A 44 -7.02 -4.04 -19.07
CA VAL A 44 -8.26 -3.77 -18.34
C VAL A 44 -8.96 -2.49 -18.72
N ARG A 45 -10.29 -2.58 -18.71
CA ARG A 45 -11.14 -1.45 -18.98
C ARG A 45 -11.76 -1.11 -17.65
N PHE A 46 -11.48 0.10 -17.17
CA PHE A 46 -12.12 0.67 -15.98
C PHE A 46 -13.55 1.06 -16.33
N ILE A 47 -14.44 1.02 -15.35
CA ILE A 47 -15.82 1.49 -15.54
C ILE A 47 -16.28 2.35 -14.37
N ASN A 48 -17.03 3.41 -14.70
CA ASN A 48 -17.60 4.31 -13.73
C ASN A 48 -19.12 4.25 -13.86
N HIS A 49 -19.80 3.79 -12.80
CA HIS A 49 -21.22 4.05 -12.63
C HIS A 49 -21.46 4.98 -11.42
N LEU A 50 -20.40 5.69 -11.02
CA LEU A 50 -20.40 6.57 -9.85
C LEU A 50 -20.54 8.02 -10.31
N PRO A 51 -20.97 8.93 -9.41
CA PRO A 51 -21.26 10.32 -9.81
C PRO A 51 -20.10 11.28 -10.11
N VAL A 52 -18.83 10.90 -9.90
CA VAL A 52 -17.70 11.81 -10.20
C VAL A 52 -16.40 11.07 -10.65
N GLU A 53 -15.50 11.85 -11.25
CA GLU A 53 -14.17 11.42 -11.78
C GLU A 53 -13.24 10.66 -10.84
N THR A 54 -12.40 9.80 -11.43
CA THR A 54 -11.55 8.88 -10.66
C THR A 54 -10.53 8.18 -11.56
N THR A 55 -9.27 8.17 -11.14
CA THR A 55 -8.18 7.48 -11.85
C THR A 55 -8.14 6.02 -11.39
N ILE A 56 -7.08 5.30 -11.80
CA ILE A 56 -6.58 4.16 -11.01
C ILE A 56 -5.05 4.14 -10.93
N HIS A 57 -4.56 4.47 -9.75
CA HIS A 57 -3.15 4.49 -9.41
C HIS A 57 -2.73 3.07 -9.09
N TRP A 58 -1.60 2.70 -9.66
CA TRP A 58 -1.01 1.40 -9.52
C TRP A 58 0.13 1.64 -8.62
N HIS A 59 -0.17 1.31 -7.37
CA HIS A 59 0.62 1.74 -6.29
C HIS A 59 1.88 0.92 -6.25
N GLY A 60 2.97 1.61 -5.92
CA GLY A 60 4.33 1.13 -6.05
C GLY A 60 4.59 0.96 -7.51
N ILE A 61 4.01 -0.13 -8.00
CA ILE A 61 3.94 -0.55 -9.39
C ILE A 61 4.45 0.44 -10.43
N ARG A 62 5.29 -0.15 -11.29
CA ARG A 62 6.29 0.55 -12.07
C ARG A 62 5.93 0.37 -13.53
N LEU A 63 4.85 1.04 -13.87
CA LEU A 63 4.31 0.94 -15.21
C LEU A 63 4.85 2.08 -16.05
N PRO A 64 4.67 1.95 -17.37
CA PRO A 64 4.72 3.10 -18.24
C PRO A 64 4.07 4.32 -17.58
N LEU A 65 4.77 5.44 -17.54
CA LEU A 65 4.28 6.60 -16.81
C LEU A 65 2.78 6.96 -17.01
N GLU A 66 2.38 7.34 -18.21
CA GLU A 66 0.93 7.60 -18.55
C GLU A 66 -0.11 6.86 -17.68
N MET A 67 0.13 5.56 -17.54
CA MET A 67 -0.81 4.65 -16.90
C MET A 67 -0.99 4.81 -15.39
N ASP A 68 -0.14 5.58 -14.72
CA ASP A 68 -0.06 5.55 -13.25
C ASP A 68 -1.25 6.21 -12.51
N GLY A 69 -2.29 6.65 -13.22
CA GLY A 69 -3.51 7.18 -12.58
C GLY A 69 -3.28 8.54 -11.97
N VAL A 70 -2.36 9.24 -12.62
CA VAL A 70 -1.72 10.41 -12.09
C VAL A 70 -2.15 11.51 -13.05
N PRO A 71 -2.97 12.46 -12.58
CA PRO A 71 -3.42 13.53 -13.48
C PRO A 71 -2.34 14.39 -14.29
N TYR A 72 -2.55 14.56 -15.60
CA TYR A 72 -2.18 15.79 -16.44
C TYR A 72 -1.14 15.78 -17.59
N VAL A 73 -0.04 15.08 -17.37
CA VAL A 73 0.91 14.76 -18.45
C VAL A 73 1.05 13.22 -18.51
N SER A 74 0.96 12.54 -17.36
CA SER A 74 0.63 11.09 -17.27
C SER A 74 -0.75 10.81 -17.88
N GLN A 75 -1.82 10.79 -17.07
CA GLN A 75 -3.17 10.60 -17.61
C GLN A 75 -4.12 11.65 -17.03
N LEU A 76 -4.99 12.22 -17.88
CA LEU A 76 -6.01 13.18 -17.45
C LEU A 76 -7.24 12.38 -16.90
N PRO A 77 -8.03 12.99 -15.97
CA PRO A 77 -8.92 12.30 -14.99
C PRO A 77 -10.27 11.71 -15.45
N VAL A 78 -10.31 10.38 -15.57
CA VAL A 78 -11.42 9.64 -16.21
C VAL A 78 -12.79 9.98 -15.56
N LYS A 79 -13.84 10.03 -16.38
CA LYS A 79 -15.17 10.61 -16.03
C LYS A 79 -16.32 9.59 -15.74
N PRO A 80 -17.50 10.08 -15.30
CA PRO A 80 -18.62 9.16 -15.00
C PRO A 80 -19.21 8.59 -16.27
N GLY A 81 -19.62 7.32 -16.22
CA GLY A 81 -20.00 6.59 -17.44
C GLY A 81 -18.95 6.64 -18.54
N GLU A 82 -17.67 6.53 -18.17
CA GLU A 82 -16.53 6.54 -19.11
C GLU A 82 -15.52 5.44 -18.74
N PHE A 83 -14.56 5.20 -19.65
CA PHE A 83 -13.45 4.26 -19.42
C PHE A 83 -12.11 4.76 -19.94
N PHE A 84 -11.04 4.38 -19.26
CA PHE A 84 -9.71 4.37 -19.86
C PHE A 84 -9.22 2.94 -19.96
N ASP A 85 -8.44 2.72 -21.01
CA ASP A 85 -7.77 1.46 -21.23
C ASP A 85 -6.61 1.44 -20.25
N TYR A 86 -6.57 0.45 -19.38
CA TYR A 86 -5.42 0.25 -18.49
C TYR A 86 -4.59 -0.95 -18.94
N LYS A 87 -3.32 -0.66 -19.26
CA LYS A 87 -2.41 -1.61 -19.88
C LYS A 87 -1.00 -1.32 -19.40
N PHE A 88 -0.34 -2.32 -18.84
CA PHE A 88 1.01 -2.11 -18.32
C PHE A 88 1.72 -3.42 -18.04
N ARG A 89 3.05 -3.41 -18.21
CA ARG A 89 3.88 -4.54 -17.82
C ARG A 89 3.96 -4.65 -16.31
N VAL A 90 4.18 -5.88 -15.87
CA VAL A 90 4.17 -6.21 -14.45
C VAL A 90 5.58 -6.70 -14.08
N PRO A 91 6.43 -5.78 -13.57
CA PRO A 91 7.77 -6.14 -13.09
C PRO A 91 7.82 -6.61 -11.64
N ASP A 92 7.07 -5.94 -10.77
CA ASP A 92 7.20 -6.11 -9.32
C ASP A 92 6.22 -7.18 -8.83
N ALA A 93 6.73 -8.40 -8.70
CA ALA A 93 5.96 -9.52 -8.16
C ALA A 93 5.45 -9.28 -6.74
N GLY A 94 4.54 -10.14 -6.32
CA GLY A 94 3.92 -10.03 -5.02
C GLY A 94 2.92 -8.90 -4.94
N SER A 95 2.31 -8.82 -3.76
CA SER A 95 1.16 -7.97 -3.52
C SER A 95 1.51 -6.50 -3.79
N TYR A 96 0.73 -5.89 -4.67
CA TYR A 96 0.60 -4.44 -4.80
C TYR A 96 -0.87 -4.13 -4.68
N TRP A 97 -1.30 -2.92 -5.03
CA TRP A 97 -2.72 -2.61 -4.95
C TRP A 97 -3.12 -1.52 -5.94
N TYR A 98 -4.38 -1.09 -5.85
CA TYR A 98 -4.91 -0.03 -6.70
C TYR A 98 -6.01 0.77 -6.05
N HIS A 99 -6.18 1.99 -6.53
CA HIS A 99 -6.95 3.04 -5.88
C HIS A 99 -6.69 4.35 -6.62
N PRO A 100 -7.64 5.32 -6.59
CA PRO A 100 -7.46 6.63 -7.30
C PRO A 100 -6.26 7.49 -6.85
N HIS A 101 -5.93 8.55 -7.62
CA HIS A 101 -5.11 9.72 -7.16
C HIS A 101 -5.82 11.06 -7.40
N VAL A 102 -7.07 11.07 -6.92
CA VAL A 102 -8.01 12.16 -7.02
C VAL A 102 -8.78 12.26 -5.70
N SER A 103 -9.04 13.48 -5.19
CA SER A 103 -9.91 13.75 -4.01
C SER A 103 -10.06 12.56 -3.04
N SER A 104 -8.90 11.99 -2.70
CA SER A 104 -8.82 10.56 -2.35
C SER A 104 -9.30 10.15 -0.98
N SER A 105 -9.09 11.03 -0.01
CA SER A 105 -9.78 10.96 1.26
C SER A 105 -11.18 10.37 1.06
N GLU A 106 -11.98 11.08 0.28
CA GLU A 106 -13.38 10.75 0.04
C GLU A 106 -13.53 9.42 -0.68
N GLU A 107 -12.71 9.28 -1.71
CA GLU A 107 -12.82 8.20 -2.67
C GLU A 107 -12.45 6.86 -2.06
N LEU A 108 -11.20 6.76 -1.62
CA LEU A 108 -10.74 5.54 -0.95
C LEU A 108 -11.59 5.33 0.29
N GLY A 109 -11.80 6.41 1.05
CA GLY A 109 -12.62 6.39 2.26
C GLY A 109 -13.97 5.73 2.11
N ARG A 110 -14.58 5.93 0.93
CA ARG A 110 -15.80 5.24 0.56
C ARG A 110 -15.57 3.87 -0.14
N GLY A 111 -14.39 3.24 0.03
CA GLY A 111 -14.12 1.85 -0.42
C GLY A 111 -13.31 1.65 -1.70
N LEU A 112 -12.83 2.76 -2.27
CA LEU A 112 -12.12 2.74 -3.55
C LEU A 112 -10.68 2.36 -3.35
N VAL A 113 -10.48 1.08 -3.06
CA VAL A 113 -9.16 0.49 -2.90
C VAL A 113 -9.30 -0.98 -3.27
N GLY A 114 -8.19 -1.63 -3.57
CA GLY A 114 -8.20 -3.05 -3.87
C GLY A 114 -6.81 -3.57 -4.10
N PRO A 115 -6.64 -4.91 -4.11
CA PRO A 115 -5.31 -5.51 -4.08
C PRO A 115 -4.73 -5.72 -5.45
N LEU A 116 -3.51 -6.22 -5.49
CA LEU A 116 -2.93 -6.63 -6.73
C LEU A 116 -1.87 -7.67 -6.47
N ILE A 117 -2.31 -8.93 -6.46
CA ILE A 117 -1.39 -10.04 -6.51
C ILE A 117 -0.70 -9.98 -7.88
N VAL A 118 0.60 -10.21 -7.84
CA VAL A 118 1.41 -10.26 -9.04
C VAL A 118 2.13 -11.60 -9.02
N GLU A 119 1.44 -12.63 -9.50
CA GLU A 119 1.91 -14.02 -9.40
C GLU A 119 3.35 -14.21 -9.90
N GLU A 120 4.27 -14.29 -8.95
CA GLU A 120 5.67 -14.69 -9.20
C GLU A 120 5.65 -15.83 -10.22
N ARG A 121 6.29 -15.62 -11.38
CA ARG A 121 6.28 -16.65 -12.43
C ARG A 121 7.09 -17.90 -12.04
N GLU A 122 8.02 -17.74 -11.10
CA GLU A 122 8.64 -18.90 -10.42
C GLU A 122 7.54 -19.64 -9.65
N PRO A 123 7.37 -20.98 -9.87
CA PRO A 123 6.28 -21.70 -9.18
C PRO A 123 6.32 -21.53 -7.65
N THR A 124 5.45 -20.65 -7.15
CA THR A 124 5.31 -20.36 -5.72
C THR A 124 5.48 -21.64 -4.89
N GLY A 125 6.52 -21.66 -4.05
CA GLY A 125 6.74 -22.76 -3.12
C GLY A 125 5.53 -23.02 -2.22
N PHE A 126 4.79 -21.95 -1.90
CA PHE A 126 3.57 -22.03 -1.11
C PHE A 126 2.47 -22.75 -1.84
N LEU A 127 1.99 -23.84 -1.23
CA LEU A 127 0.87 -24.60 -1.76
C LEU A 127 -0.37 -23.70 -1.70
N HIS A 128 -0.65 -23.19 -0.51
CA HIS A 128 -1.86 -22.42 -0.23
C HIS A 128 -1.48 -21.00 0.11
N GLU A 129 -2.28 -20.04 -0.33
CA GLU A 129 -2.11 -18.64 0.05
C GLU A 129 -3.43 -18.10 0.58
N ARG A 130 -3.42 -16.82 0.95
CA ARG A 130 -4.64 -16.10 1.29
C ARG A 130 -4.38 -14.62 1.20
N THR A 131 -5.46 -13.84 1.08
CA THR A 131 -5.40 -12.39 0.97
C THR A 131 -6.14 -11.70 2.11
N LEU A 132 -5.44 -10.77 2.76
CA LEU A 132 -5.84 -10.23 4.06
C LEU A 132 -5.74 -8.73 4.03
N SER A 133 -6.88 -8.17 3.67
CA SER A 133 -6.94 -6.90 3.00
C SER A 133 -7.50 -5.92 4.00
N LEU A 134 -6.61 -5.06 4.48
CA LEU A 134 -6.92 -4.24 5.62
C LEU A 134 -7.31 -2.83 5.22
N LYS A 135 -8.54 -2.46 5.60
CA LYS A 135 -8.91 -1.07 5.73
C LYS A 135 -9.66 -0.89 7.05
N THR A 136 -9.72 0.36 7.51
CA THR A 136 -10.63 0.75 8.57
C THR A 136 -11.37 2.06 8.27
N TRP A 137 -12.70 1.92 8.28
CA TRP A 137 -13.59 2.74 7.50
C TRP A 137 -14.02 3.95 8.25
N HIS A 138 -14.20 5.06 7.52
CA HIS A 138 -14.62 6.32 8.11
C HIS A 138 -16.15 6.32 8.32
N VAL A 139 -16.64 5.35 9.10
CA VAL A 139 -18.07 5.04 9.25
C VAL A 139 -18.54 5.32 10.68
N ASP A 140 -19.72 5.93 10.83
CA ASP A 140 -20.34 6.09 12.17
C ASP A 140 -21.00 4.76 12.63
N GLU A 141 -21.55 4.74 13.84
CA GLU A 141 -22.14 3.52 14.42
C GLU A 141 -23.34 2.95 13.64
N GLN A 142 -24.01 3.81 12.86
CA GLN A 142 -25.15 3.42 12.03
C GLN A 142 -24.78 2.98 10.60
N GLY A 143 -23.48 2.91 10.27
CA GLY A 143 -23.03 2.60 8.91
C GLY A 143 -22.83 3.84 8.05
N ALA A 144 -23.67 4.85 8.22
CA ALA A 144 -23.51 6.17 7.57
C ALA A 144 -22.11 6.73 7.82
N PHE A 145 -21.64 7.56 6.90
CA PHE A 145 -20.22 7.86 6.86
C PHE A 145 -19.85 9.01 7.80
N MET A 146 -18.86 8.73 8.65
CA MET A 146 -18.12 9.76 9.37
C MET A 146 -17.37 10.58 8.34
N PRO A 147 -17.11 11.87 8.63
CA PRO A 147 -16.24 12.65 7.77
C PRO A 147 -14.91 11.97 7.44
N PHE A 148 -14.38 12.30 6.28
CA PHE A 148 -13.11 11.77 5.81
C PHE A 148 -11.94 12.69 6.08
N SER A 149 -12.21 13.99 6.05
CA SER A 149 -11.25 15.05 6.41
C SER A 149 -11.58 15.64 7.79
N VAL A 150 -10.65 15.54 8.73
CA VAL A 150 -10.82 16.07 10.11
C VAL A 150 -9.55 16.86 10.54
N PRO A 151 -9.55 18.21 10.32
CA PRO A 151 -8.39 19.10 10.52
C PRO A 151 -7.41 18.81 11.68
N ARG A 152 -7.89 18.81 12.92
CA ARG A 152 -6.99 18.63 14.07
C ARG A 152 -6.65 17.16 14.35
N GLU A 153 -7.48 16.21 13.90
CA GLU A 153 -7.08 14.78 13.87
C GLU A 153 -6.08 14.53 12.71
N ALA A 154 -6.33 15.15 11.57
CA ALA A 154 -5.52 14.95 10.36
C ALA A 154 -4.20 15.77 10.29
N ALA A 155 -4.18 16.95 10.89
CA ALA A 155 -2.95 17.75 10.94
C ALA A 155 -1.94 17.18 11.93
N ARG A 156 -2.42 16.35 12.87
CA ARG A 156 -1.58 15.37 13.57
C ARG A 156 -1.60 14.07 12.70
N ASN A 157 -1.58 12.86 13.27
CA ASN A 157 -1.19 11.68 12.46
C ASN A 157 -2.13 11.14 11.39
N GLY A 158 -3.34 11.69 11.33
CA GLY A 158 -4.31 11.35 10.30
C GLY A 158 -5.72 11.35 10.82
N THR A 159 -6.69 11.47 9.90
CA THR A 159 -8.11 11.38 10.23
C THR A 159 -8.52 9.98 10.72
N ALA A 160 -9.34 9.96 11.76
CA ALA A 160 -9.77 8.71 12.40
C ALA A 160 -10.64 7.84 11.48
N GLY A 161 -10.13 6.66 11.12
CA GLY A 161 -10.99 5.53 10.72
C GLY A 161 -11.80 5.09 11.94
N ARG A 162 -12.49 3.94 11.83
CA ARG A 162 -13.16 3.36 13.01
C ARG A 162 -13.34 1.83 12.95
N LEU A 163 -14.03 1.32 11.93
CA LEU A 163 -14.37 -0.09 11.89
C LEU A 163 -13.31 -0.97 11.27
N ILE A 164 -13.06 -2.07 11.97
CA ILE A 164 -11.88 -2.91 11.79
C ILE A 164 -12.20 -3.93 10.70
N THR A 165 -11.61 -3.79 9.51
CA THR A 165 -12.02 -4.62 8.36
C THR A 165 -10.96 -5.29 7.50
N ILE A 166 -10.99 -6.61 7.54
CA ILE A 166 -10.21 -7.46 6.67
C ILE A 166 -11.21 -7.94 5.66
N ASN A 167 -10.88 -7.86 4.38
CA ASN A 167 -11.84 -8.22 3.34
C ASN A 167 -13.20 -7.51 3.57
N GLY A 168 -13.20 -6.34 4.22
CA GLY A 168 -14.44 -5.70 4.66
C GLY A 168 -15.22 -6.38 5.80
N GLN A 169 -14.58 -7.32 6.52
CA GLN A 169 -15.21 -8.08 7.63
C GLN A 169 -14.58 -7.72 8.99
N ALA A 170 -15.40 -7.27 9.94
CA ALA A 170 -14.96 -7.16 11.34
C ALA A 170 -15.00 -8.55 11.93
N GLU A 171 -13.94 -8.89 12.65
CA GLU A 171 -13.67 -10.26 13.13
C GLU A 171 -13.70 -11.27 11.97
N SER A 172 -12.53 -11.48 11.37
CA SER A 172 -12.40 -12.37 10.25
C SER A 172 -12.29 -13.81 10.70
N VAL A 173 -12.93 -14.68 9.91
CA VAL A 173 -12.96 -16.13 10.11
C VAL A 173 -12.30 -16.78 8.89
N THR A 174 -10.99 -16.57 8.76
CA THR A 174 -10.21 -17.19 7.68
C THR A 174 -9.70 -18.53 8.15
N GLU A 175 -10.07 -19.57 7.39
CA GLU A 175 -9.87 -20.97 7.76
C GLU A 175 -8.68 -21.58 7.01
N LEU A 176 -7.92 -22.42 7.71
CA LEU A 176 -6.49 -22.68 7.39
C LEU A 176 -6.14 -24.20 7.52
N PRO A 177 -4.84 -24.59 7.36
CA PRO A 177 -4.49 -26.03 7.31
C PRO A 177 -3.86 -26.67 8.55
N ALA A 178 -4.08 -27.97 8.70
CA ALA A 178 -3.38 -28.79 9.70
C ALA A 178 -2.02 -29.25 9.17
N GLY A 179 -1.03 -28.38 9.32
CA GLY A 179 0.37 -28.70 9.01
C GLY A 179 1.04 -27.84 7.96
N GLN A 180 0.26 -27.27 7.06
CA GLN A 180 0.85 -26.58 5.91
C GLN A 180 1.22 -25.14 6.24
N VAL A 181 2.21 -24.68 5.49
CA VAL A 181 2.58 -23.28 5.46
C VAL A 181 1.55 -22.60 4.59
N VAL A 182 1.33 -21.32 4.88
CA VAL A 182 0.33 -20.53 4.20
C VAL A 182 0.89 -19.16 3.90
N ARG A 183 0.72 -18.74 2.64
CA ARG A 183 1.04 -17.38 2.23
C ARG A 183 -0.06 -16.40 2.64
N VAL A 184 0.42 -15.28 3.16
CA VAL A 184 -0.35 -14.39 3.97
C VAL A 184 -0.16 -12.98 3.40
N ARG A 185 -0.80 -12.76 2.26
CA ARG A 185 -0.72 -11.47 1.61
C ARG A 185 -1.53 -10.46 2.41
N LEU A 186 -0.80 -9.75 3.26
CA LEU A 186 -1.36 -8.76 4.12
C LEU A 186 -1.16 -7.40 3.45
N LEU A 187 -2.25 -6.66 3.33
CA LEU A 187 -2.21 -5.36 2.72
C LEU A 187 -2.87 -4.36 3.62
N ASN A 188 -2.09 -3.39 4.07
CA ASN A 188 -2.65 -2.16 4.59
C ASN A 188 -3.14 -1.35 3.40
N LEU A 189 -4.44 -1.07 3.42
CA LEU A 189 -5.08 -0.31 2.37
C LEU A 189 -5.87 0.88 2.93
N ASP A 190 -5.64 1.21 4.21
CA ASP A 190 -6.36 2.29 4.86
C ASP A 190 -5.94 3.65 4.31
N ASN A 191 -6.76 4.66 4.58
CA ASN A 191 -6.37 6.06 4.38
C ASN A 191 -5.20 6.50 5.24
N THR A 192 -5.35 6.28 6.55
CA THR A 192 -4.63 7.03 7.58
C THR A 192 -3.96 6.24 8.69
N TRP A 193 -4.49 5.06 9.02
CA TRP A 193 -4.00 4.34 10.18
C TRP A 193 -2.80 3.55 9.83
N THR A 194 -1.86 3.58 10.77
CA THR A 194 -0.57 3.01 10.63
C THR A 194 -0.61 1.88 11.67
N TYR A 195 -0.64 0.63 11.21
CA TYR A 195 -0.98 -0.53 12.08
C TYR A 195 0.20 -1.29 12.72
N ARG A 196 0.15 -1.42 14.06
CA ARG A 196 1.28 -1.92 14.90
C ARG A 196 1.08 -3.43 15.15
N ILE A 197 1.68 -4.28 14.32
CA ILE A 197 1.21 -5.69 14.16
C ILE A 197 2.01 -6.79 14.86
N ASN A 198 1.28 -7.77 15.41
CA ASN A 198 1.89 -8.93 16.05
C ASN A 198 1.07 -10.21 15.91
N LEU A 199 1.70 -11.28 16.40
CA LEU A 199 1.03 -12.51 16.69
C LEU A 199 1.32 -12.99 18.09
N LYS A 200 0.25 -12.95 18.89
CA LYS A 200 0.10 -13.78 20.06
C LYS A 200 -0.75 -14.98 19.62
N GLY A 201 -1.03 -15.87 20.56
CA GLY A 201 -1.63 -17.15 20.22
C GLY A 201 -0.52 -18.08 19.79
N ASN A 202 -0.84 -19.36 19.78
CA ASN A 202 0.15 -20.40 19.58
C ASN A 202 0.38 -20.69 18.09
N CYS A 203 1.48 -20.16 17.54
CA CYS A 203 1.99 -20.59 16.23
C CYS A 203 3.41 -20.16 15.88
N GLU A 204 3.93 -20.89 14.90
CA GLU A 204 5.17 -20.60 14.20
C GLU A 204 4.82 -19.65 13.06
N ALA A 205 5.69 -18.66 12.79
CA ALA A 205 5.43 -17.65 11.75
C ALA A 205 6.69 -17.02 11.16
N LYS A 206 6.80 -17.05 9.83
CA LYS A 206 7.93 -16.45 9.12
C LYS A 206 7.48 -15.53 7.99
N VAL A 207 8.31 -14.55 7.66
CA VAL A 207 8.06 -13.58 6.59
C VAL A 207 8.91 -13.97 5.40
N TYR A 208 8.62 -13.41 4.23
CA TYR A 208 9.51 -13.52 3.05
C TYR A 208 9.81 -12.19 2.32
N ALA A 209 8.78 -11.36 2.13
CA ALA A 209 8.91 -10.06 1.46
C ALA A 209 8.21 -8.97 2.26
N LEU A 210 8.40 -7.74 1.81
CA LEU A 210 7.69 -6.62 2.39
C LEU A 210 7.41 -5.63 1.32
N ASP A 211 6.15 -5.18 1.27
CA ASP A 211 5.68 -4.21 0.29
C ASP A 211 5.90 -4.79 -1.10
N GLY A 212 5.63 -6.09 -1.24
CA GLY A 212 5.88 -6.83 -2.47
C GLY A 212 7.32 -7.20 -2.74
N ASN A 213 8.26 -6.41 -2.22
CA ASN A 213 9.62 -6.28 -2.74
C ASN A 213 10.61 -7.11 -1.91
N PRO A 214 10.82 -8.37 -2.32
CA PRO A 214 11.29 -9.36 -1.39
C PRO A 214 12.73 -9.26 -0.99
N VAL A 215 13.02 -10.14 -0.05
CA VAL A 215 14.23 -10.14 0.73
C VAL A 215 14.31 -11.55 1.37
N THR A 216 15.20 -11.72 2.38
CA THR A 216 15.39 -13.00 3.10
C THR A 216 14.13 -13.42 3.90
N PRO A 217 14.17 -14.58 4.60
CA PRO A 217 13.06 -14.98 5.51
C PRO A 217 13.22 -14.68 7.04
N ARG A 218 12.99 -13.42 7.43
CA ARG A 218 12.96 -13.02 8.86
C ARG A 218 11.63 -13.49 9.50
N PRO A 219 11.60 -13.79 10.83
CA PRO A 219 10.33 -14.32 11.44
C PRO A 219 9.44 -13.45 12.39
N LEU A 220 8.46 -14.09 13.04
CA LEU A 220 7.51 -13.53 14.06
C LEU A 220 7.82 -12.10 14.60
N GLU A 221 8.99 -11.91 15.22
CA GLU A 221 9.50 -10.57 15.59
C GLU A 221 8.71 -9.76 16.63
N ASP A 222 9.23 -8.56 16.93
CA ASP A 222 8.48 -7.48 17.60
C ASP A 222 7.29 -7.02 16.73
N GLU A 223 6.56 -6.00 17.22
CA GLU A 223 5.42 -5.44 16.48
C GLU A 223 5.88 -4.68 15.22
N TYR A 224 5.79 -5.30 14.03
CA TYR A 224 6.14 -4.59 12.77
C TYR A 224 5.06 -3.59 12.37
N TRP A 225 5.47 -2.33 12.33
CA TRP A 225 4.62 -1.22 11.97
C TRP A 225 4.30 -1.32 10.47
N LEU A 226 3.01 -1.34 10.10
CA LEU A 226 2.59 -1.34 8.69
C LEU A 226 1.84 -0.04 8.35
N GLY A 227 2.24 0.61 7.25
CA GLY A 227 1.68 1.90 6.82
C GLY A 227 0.72 1.87 5.63
N PRO A 228 -0.09 2.93 5.46
CA PRO A 228 -0.91 3.07 4.27
C PRO A 228 -0.05 3.00 3.00
N GLY A 229 -0.47 2.15 2.06
CA GLY A 229 0.32 1.85 0.87
C GLY A 229 1.52 0.95 1.15
N MET A 230 1.46 0.21 2.27
CA MET A 230 2.42 -0.84 2.55
C MET A 230 1.62 -2.12 2.65
N ARG A 231 2.38 -3.20 2.54
CA ARG A 231 1.83 -4.53 2.36
C ARG A 231 2.85 -5.43 2.99
N ILE A 232 2.61 -6.73 2.99
CA ILE A 232 3.60 -7.69 3.52
C ILE A 232 3.24 -9.12 3.20
N CYS A 233 3.94 -9.60 2.19
CA CYS A 233 3.86 -10.97 1.74
C CYS A 233 4.69 -11.82 2.71
N LEU A 234 4.08 -12.86 3.23
CA LEU A 234 4.52 -13.43 4.50
C LEU A 234 3.84 -14.80 4.74
N ALA A 235 4.42 -15.61 5.63
CA ALA A 235 4.04 -17.03 5.77
C ALA A 235 3.65 -17.43 7.16
N ILE A 236 2.79 -18.44 7.27
CA ILE A 236 2.47 -19.04 8.57
C ILE A 236 2.34 -20.56 8.57
N ARG A 237 3.29 -21.19 9.26
CA ARG A 237 3.17 -22.57 9.68
C ARG A 237 2.20 -22.59 10.86
N ILE A 238 0.92 -22.74 10.54
CA ILE A 238 -0.07 -22.97 11.61
C ILE A 238 0.23 -24.38 12.09
N PRO A 239 0.24 -24.58 13.41
CA PRO A 239 0.53 -25.93 13.95
C PRO A 239 -0.58 -26.95 13.66
N GLU A 240 -0.47 -28.14 14.27
CA GLU A 240 -1.59 -29.09 14.27
C GLU A 240 -2.85 -28.39 14.80
N ALA A 241 -3.99 -28.88 14.35
CA ALA A 241 -5.23 -28.11 14.11
C ALA A 241 -5.79 -27.22 15.27
N GLY A 242 -7.08 -26.85 15.16
CA GLY A 242 -7.82 -26.25 16.28
C GLY A 242 -7.51 -24.79 16.49
N GLU A 243 -6.32 -24.53 17.05
CA GLU A 243 -5.89 -23.21 17.53
C GLU A 243 -6.40 -22.04 16.70
N GLU A 244 -7.25 -21.23 17.33
CA GLU A 244 -7.73 -19.97 16.75
C GLU A 244 -6.74 -18.89 17.12
N ILE A 245 -5.70 -18.76 16.29
CA ILE A 245 -4.57 -17.89 16.61
C ILE A 245 -4.98 -16.41 16.56
N SER A 246 -4.52 -15.69 17.57
CA SER A 246 -4.91 -14.32 17.79
C SER A 246 -4.05 -13.47 16.88
N LEU A 247 -4.63 -12.94 15.82
CA LEU A 247 -4.01 -11.82 15.13
C LEU A 247 -4.33 -10.54 15.89
N ARG A 248 -3.29 -9.74 16.12
CA ARG A 248 -3.44 -8.53 16.90
C ARG A 248 -2.73 -7.34 16.27
N ASP A 249 -3.17 -6.15 16.67
CA ASP A 249 -2.44 -4.89 16.53
C ASP A 249 -2.03 -4.39 17.95
N GLY A 250 -0.80 -4.73 18.34
CA GLY A 250 -0.29 -4.50 19.69
C GLY A 250 -1.00 -5.43 20.65
N PHE A 251 -2.18 -4.99 21.09
CA PHE A 251 -3.11 -5.83 21.84
C PHE A 251 -4.33 -6.23 21.01
N VAL A 252 -4.61 -5.48 19.94
CA VAL A 252 -5.97 -5.32 19.42
C VAL A 252 -6.49 -6.49 18.55
N ARG A 253 -7.57 -7.12 19.01
CA ARG A 253 -8.24 -8.24 18.32
C ARG A 253 -8.69 -7.85 16.92
N LEU A 254 -7.80 -8.08 15.96
CA LEU A 254 -8.00 -7.71 14.56
C LEU A 254 -8.76 -8.79 13.81
N GLY A 255 -8.21 -9.99 13.80
CA GLY A 255 -8.77 -11.10 13.05
C GLY A 255 -8.43 -12.39 13.72
N THR A 256 -9.03 -13.46 13.22
CA THR A 256 -8.87 -14.76 13.85
C THR A 256 -8.69 -15.83 12.80
N LEU A 257 -7.95 -16.87 13.19
CA LEU A 257 -7.21 -17.71 12.27
C LEU A 257 -7.48 -19.18 12.57
N ARG A 258 -8.72 -19.62 12.34
CA ARG A 258 -9.13 -20.97 12.74
C ARG A 258 -8.29 -22.04 12.04
N SER A 259 -7.50 -22.76 12.83
CA SER A 259 -6.71 -23.88 12.35
C SER A 259 -7.66 -25.05 12.09
N VAL A 260 -7.95 -25.30 10.81
CA VAL A 260 -8.90 -26.35 10.35
C VAL A 260 -8.11 -27.58 9.84
N ALA A 261 -8.76 -28.75 9.92
CA ALA A 261 -8.11 -30.05 9.68
C ALA A 261 -7.78 -30.35 8.22
N SER A 262 -6.90 -31.32 8.05
CA SER A 262 -6.37 -31.71 6.75
C SER A 262 -5.86 -33.15 6.82
N SER A 263 -6.18 -33.96 5.81
CA SER A 263 -5.66 -35.33 5.68
C SER A 263 -4.38 -35.31 4.83
N GLU A 264 -3.48 -34.38 5.14
CA GLU A 264 -2.36 -34.00 4.27
C GLU A 264 -1.07 -33.73 5.05
N ALA A 265 0.06 -33.87 4.34
CA ALA A 265 1.40 -33.75 4.92
C ALA A 265 1.92 -32.29 4.92
N PRO A 266 3.06 -32.01 5.61
CA PRO A 266 3.45 -30.62 5.84
C PRO A 266 4.11 -29.97 4.63
N GLY A 267 3.80 -28.72 4.38
CA GLY A 267 4.38 -27.94 3.29
C GLY A 267 5.60 -27.18 3.76
N ASN A 268 6.66 -27.92 4.12
CA ASN A 268 7.83 -27.35 4.81
C ASN A 268 8.55 -26.19 4.11
N TRP A 269 9.29 -25.41 4.91
CA TRP A 269 9.63 -24.00 4.63
C TRP A 269 10.24 -23.66 3.25
N PRO A 270 9.45 -22.95 2.37
CA PRO A 270 9.92 -22.49 1.05
C PRO A 270 11.21 -21.69 1.07
N LYS A 271 12.10 -21.92 0.11
CA LYS A 271 13.33 -21.13 0.04
C LYS A 271 13.05 -19.75 -0.55
N ALA A 272 13.83 -18.76 -0.06
CA ALA A 272 13.47 -17.33 -0.06
C ALA A 272 12.94 -16.79 -1.38
N LEU A 273 12.09 -15.76 -1.28
CA LEU A 273 11.48 -15.21 -2.49
C LEU A 273 12.58 -14.67 -3.39
N PRO A 274 12.55 -15.04 -4.69
CA PRO A 274 13.63 -14.67 -5.60
C PRO A 274 13.50 -13.19 -5.97
N PRO A 275 14.31 -12.31 -5.33
CA PRO A 275 13.94 -10.88 -5.32
C PRO A 275 13.69 -10.26 -6.69
N ASN A 276 12.89 -9.20 -6.67
CA ASN A 276 12.43 -8.53 -7.88
C ASN A 276 13.60 -7.84 -8.57
N PRO A 277 13.69 -7.97 -9.91
CA PRO A 277 14.73 -7.26 -10.66
C PRO A 277 14.41 -5.77 -10.76
N ILE A 278 15.20 -4.95 -10.08
CA ILE A 278 14.87 -3.54 -9.86
C ILE A 278 16.09 -2.64 -10.13
N ALA A 279 15.81 -1.34 -10.31
CA ALA A 279 16.75 -0.21 -10.33
C ALA A 279 17.93 -0.33 -9.37
N GLU A 280 18.82 -1.27 -9.67
CA GLU A 280 19.86 -1.71 -8.75
C GLU A 280 20.97 -0.66 -8.68
N PRO A 281 20.97 0.19 -7.63
CA PRO A 281 21.80 1.39 -7.67
C PRO A 281 23.25 1.19 -7.27
N ASP A 282 24.13 2.02 -7.83
CA ASP A 282 25.56 1.98 -7.52
C ASP A 282 25.91 2.97 -6.43
N LEU A 283 26.74 2.44 -5.54
CA LEU A 283 26.75 2.80 -4.14
C LEU A 283 27.52 4.11 -4.04
N GLU A 284 28.77 4.07 -4.47
CA GLU A 284 29.65 5.22 -4.37
C GLU A 284 29.35 6.30 -5.42
N LYS A 285 28.74 5.87 -6.52
CA LYS A 285 28.57 6.71 -7.71
C LYS A 285 27.45 7.74 -7.67
N ALA A 286 26.48 7.57 -6.77
CA ALA A 286 25.33 8.46 -6.72
C ALA A 286 25.63 9.85 -6.11
N GLU A 287 24.63 10.74 -6.19
CA GLU A 287 24.68 12.07 -5.54
C GLU A 287 23.45 12.24 -4.60
N LYS A 288 23.23 13.44 -4.05
CA LYS A 288 22.26 13.62 -2.95
C LYS A 288 21.84 15.07 -2.61
N LEU A 289 20.54 15.27 -2.32
CA LEU A 289 19.97 16.46 -1.60
C LEU A 289 18.85 15.84 -0.68
N ASN A 290 17.86 16.59 -0.17
CA ASN A 290 17.00 16.11 0.97
C ASN A 290 15.57 16.75 1.27
N PHE A 291 15.01 16.45 2.47
CA PHE A 291 14.05 17.32 3.25
C PHE A 291 12.85 16.58 3.90
N ASN A 292 11.60 16.88 3.49
CA ASN A 292 10.30 16.67 4.24
C ASN A 292 10.12 17.76 5.37
N PHE A 293 8.89 17.92 5.89
CA PHE A 293 8.57 18.65 7.19
C PHE A 293 8.38 20.19 7.46
N GLU A 294 7.25 20.56 8.13
CA GLU A 294 7.01 21.89 8.86
C GLU A 294 5.52 22.22 9.30
N TRP A 295 5.22 23.50 9.64
CA TRP A 295 3.84 23.97 9.88
C TRP A 295 3.67 25.50 9.76
N PRO A 308 -2.73 30.40 7.44
CA PRO A 308 -2.68 29.97 6.04
C PRO A 308 -3.42 28.65 5.79
N PRO A 309 -4.77 28.69 5.57
CA PRO A 309 -5.59 27.51 5.27
C PRO A 309 -5.07 26.54 4.18
N SER A 310 -5.48 25.28 4.27
CA SER A 310 -4.92 24.12 3.52
C SER A 310 -3.44 23.73 3.93
N LEU A 311 -3.20 22.41 3.98
CA LEU A 311 -2.28 21.63 4.91
C LEU A 311 -1.26 22.17 5.99
N TRP A 312 -0.73 23.40 5.90
CA TRP A 312 0.40 23.87 6.78
C TRP A 312 1.28 22.70 7.27
N GLN A 313 1.67 21.87 6.30
CA GLN A 313 2.45 20.67 6.47
C GLN A 313 3.51 20.72 5.35
N ILE A 314 4.50 21.61 5.56
CA ILE A 314 5.39 22.19 4.50
C ILE A 314 6.38 21.13 3.91
N ASN A 315 6.80 21.29 2.64
CA ASN A 315 7.57 20.24 1.86
C ASN A 315 8.97 20.69 1.36
N GLY A 316 10.03 20.41 2.11
CA GLY A 316 11.37 21.00 1.83
C GLY A 316 11.26 22.47 1.47
N GLN A 317 10.37 23.17 2.19
CA GLN A 317 9.64 24.41 1.77
C GLN A 317 9.26 24.50 0.28
N ALA A 318 8.04 24.06 0.00
CA ALA A 318 7.37 24.33 -1.27
C ALA A 318 5.88 24.09 -1.03
N TRP A 319 5.11 25.17 -0.97
CA TRP A 319 3.66 25.12 -0.63
C TRP A 319 2.94 23.82 -1.20
N ASP A 320 2.38 23.89 -2.43
CA ASP A 320 1.79 22.77 -3.22
C ASP A 320 0.60 23.14 -4.19
N ILE A 321 -0.12 24.23 -3.92
CA ILE A 321 -1.23 24.70 -4.78
C ILE A 321 -0.95 26.14 -5.21
N ASP A 323 2.78 27.07 -5.46
CA ASP A 323 2.25 27.11 -6.83
C ASP A 323 2.02 25.73 -7.55
N LYS A 324 2.33 24.60 -6.89
CA LYS A 324 2.63 23.31 -7.57
C LYS A 324 1.41 22.43 -8.00
N THR A 325 0.26 23.08 -8.11
CA THR A 325 -1.03 22.42 -8.09
C THR A 325 -1.14 21.24 -9.03
N CYS A 326 -0.70 21.47 -10.27
CA CYS A 326 -1.06 20.62 -11.40
C CYS A 326 0.12 20.35 -12.32
N ALA A 327 0.69 21.41 -12.90
CA ALA A 327 1.82 21.30 -13.85
C ALA A 327 3.12 20.98 -13.06
N ASP A 328 3.96 21.97 -12.77
CA ASP A 328 5.22 21.72 -12.04
C ASP A 328 5.98 23.02 -11.83
N ARG A 329 6.21 23.41 -10.59
CA ARG A 329 7.32 24.31 -10.29
C ARG A 329 8.39 23.33 -9.79
N PRO A 330 9.46 23.15 -10.57
CA PRO A 330 10.21 21.88 -10.60
C PRO A 330 10.65 21.49 -9.21
N ILE A 331 9.80 20.74 -8.50
CA ILE A 331 10.04 20.59 -7.07
C ILE A 331 11.32 19.75 -6.86
N ALA A 332 11.58 18.84 -7.79
CA ALA A 332 12.92 18.29 -7.95
C ALA A 332 13.26 18.03 -9.42
N THR A 333 14.57 17.95 -9.71
CA THR A 333 15.17 17.98 -11.06
C THR A 333 16.10 16.76 -11.30
N LEU A 334 15.56 15.61 -11.72
CA LEU A 334 16.40 14.39 -11.80
C LEU A 334 16.78 13.85 -13.21
N LYS A 335 17.93 13.17 -13.31
CA LYS A 335 18.50 12.63 -14.58
C LYS A 335 18.29 11.11 -14.79
N LYS A 336 18.10 10.69 -16.04
CA LYS A 336 17.77 9.29 -16.34
C LYS A 336 18.88 8.33 -16.01
N GLY A 337 18.50 7.14 -15.54
CA GLY A 337 19.43 6.02 -15.38
C GLY A 337 20.61 6.21 -14.43
N LYS A 338 20.68 7.38 -13.76
CA LYS A 338 21.80 7.74 -12.89
C LYS A 338 21.38 7.40 -11.46
N SER A 339 22.29 6.74 -10.72
CA SER A 339 22.00 6.25 -9.38
C SER A 339 21.93 7.41 -8.43
N TYR A 340 21.06 7.32 -7.44
CA TYR A 340 20.74 8.46 -6.59
C TYR A 340 20.30 8.17 -5.12
N ILE A 341 20.46 9.19 -4.24
CA ILE A 341 20.34 9.12 -2.75
C ILE A 341 19.58 10.28 -2.04
N PHE A 342 18.80 9.93 -1.00
CA PHE A 342 17.88 10.86 -0.34
C PHE A 342 17.87 10.78 1.19
N GLU A 343 18.22 11.89 1.82
CA GLU A 343 18.04 12.07 3.26
C GLU A 343 16.64 12.65 3.47
N LEU A 344 16.05 12.21 4.57
CA LEU A 344 14.69 12.52 4.89
C LEU A 344 14.66 12.91 6.33
N LYS A 345 14.14 14.09 6.60
CA LYS A 345 14.03 14.59 7.95
C LYS A 345 12.53 14.60 8.23
N ASN A 346 12.08 13.95 9.30
CA ASN A 346 10.73 14.22 9.80
C ASN A 346 10.88 15.39 10.73
N MET A 347 10.15 16.47 10.48
CA MET A 347 10.30 17.70 11.27
C MET A 347 9.14 18.07 12.19
N THR A 348 7.91 17.65 11.86
CA THR A 348 6.80 17.94 12.75
C THR A 348 6.72 16.78 13.77
N GLN A 349 6.12 17.05 14.93
CA GLN A 349 6.02 16.07 16.05
C GLN A 349 5.21 14.78 15.74
N TYR A 350 5.21 14.32 14.49
CA TYR A 350 4.34 13.24 14.02
C TYR A 350 5.13 12.37 13.02
N GLN A 351 4.52 11.25 12.62
CA GLN A 351 5.16 10.17 11.85
C GLN A 351 4.44 9.90 10.49
N HIS A 352 5.20 9.78 9.39
CA HIS A 352 4.64 9.80 8.00
C HIS A 352 5.11 8.65 7.04
N PRO A 353 4.16 7.90 6.40
CA PRO A 353 4.53 6.78 5.50
C PRO A 353 4.81 7.29 4.11
N ILE A 354 6.07 7.62 3.86
CA ILE A 354 6.44 8.31 2.65
C ILE A 354 6.50 7.32 1.49
N HIS A 355 5.56 7.49 0.57
CA HIS A 355 5.46 6.55 -0.52
C HIS A 355 6.09 7.04 -1.81
N LEU A 356 6.46 6.08 -2.67
CA LEU A 356 6.73 6.27 -4.14
C LEU A 356 5.95 5.36 -5.11
N HIS A 357 5.64 6.71 -6.86
CA HIS A 357 5.45 5.76 -7.93
C HIS A 357 6.75 5.89 -8.63
N GLY A 358 5.80 3.66 -10.08
CA GLY A 358 6.85 4.14 -10.99
C GLY A 358 8.23 3.52 -10.80
N MET A 359 8.91 3.82 -9.68
CA MET A 359 9.97 2.94 -9.17
C MET A 359 9.63 2.42 -7.78
N SER A 360 10.55 1.58 -7.29
CA SER A 360 10.55 1.11 -5.94
C SER A 360 12.00 1.05 -5.47
N PHE A 361 12.22 1.39 -4.19
CA PHE A 361 13.55 1.76 -3.64
C PHE A 361 14.07 0.84 -2.54
N LYS A 362 15.40 0.85 -2.44
CA LYS A 362 16.11 0.19 -1.37
C LYS A 362 16.56 1.22 -0.33
N VAL A 363 16.82 0.70 0.86
CA VAL A 363 17.09 1.49 2.04
C VAL A 363 18.47 1.06 2.53
N ILE A 364 19.14 1.89 3.33
CA ILE A 364 20.56 1.71 3.63
C ILE A 364 20.94 1.63 5.10
N ALA A 365 20.61 2.70 5.81
CA ALA A 365 21.15 3.00 7.13
C ALA A 365 20.19 3.99 7.73
N SER A 366 20.04 3.96 9.05
CA SER A 366 19.27 5.00 9.72
C SER A 366 19.35 4.91 11.23
N ASN A 367 18.55 5.77 11.86
CA ASN A 367 18.53 5.96 13.29
C ASN A 367 17.60 4.91 13.92
N ARG A 368 16.28 5.14 13.93
CA ARG A 368 15.33 4.38 14.78
C ARG A 368 15.56 2.87 14.70
N HIS A 369 15.37 2.29 13.52
CA HIS A 369 15.79 0.92 13.24
C HIS A 369 17.21 1.02 12.64
N LYS A 370 18.02 -0.02 12.82
CA LYS A 370 19.40 -0.05 12.28
C LYS A 370 19.56 -1.31 11.42
N ILE A 371 20.41 -1.23 10.40
CA ILE A 371 20.22 -1.98 9.14
C ILE A 371 21.06 -3.24 8.89
N THR A 372 20.42 -4.40 9.05
CA THR A 372 21.05 -5.70 8.80
C THR A 372 21.14 -5.91 7.28
N GLU A 373 20.12 -6.52 6.68
CA GLU A 373 20.00 -6.59 5.23
C GLU A 373 19.17 -5.38 4.78
N PRO A 374 19.69 -4.55 3.84
CA PRO A 374 18.89 -3.55 3.14
C PRO A 374 17.69 -4.13 2.36
N TRP A 375 16.61 -3.35 2.25
CA TRP A 375 15.30 -3.88 1.81
C TRP A 375 14.68 -3.03 0.73
N PHE A 376 14.01 -3.68 -0.22
CA PHE A 376 13.28 -2.98 -1.26
C PHE A 376 11.85 -2.74 -0.82
N THR A 377 11.32 -1.59 -1.23
CA THR A 377 9.90 -1.24 -1.05
C THR A 377 9.56 0.00 -1.85
N ASP A 378 8.27 0.18 -2.09
CA ASP A 378 7.79 1.38 -2.73
C ASP A 378 7.58 2.54 -1.73
N THR A 379 7.47 2.24 -0.45
CA THR A 379 7.03 3.23 0.53
C THR A 379 7.93 3.08 1.73
N TYR A 380 8.48 4.19 2.19
CA TYR A 380 9.19 4.13 3.43
C TYR A 380 8.38 4.77 4.54
N LEU A 381 8.41 4.08 5.68
CA LEU A 381 7.68 4.44 6.87
C LEU A 381 8.49 5.36 7.82
N LEU A 382 8.47 6.68 7.59
CA LEU A 382 9.37 7.59 8.33
C LEU A 382 8.91 8.07 9.72
N GLY A 383 9.69 7.70 10.74
CA GLY A 383 9.45 8.09 12.14
C GLY A 383 9.93 9.48 12.54
N ARG A 384 9.60 9.88 13.77
CA ARG A 384 9.87 11.23 14.27
C ARG A 384 11.37 11.46 14.39
N ASN A 385 11.84 12.59 13.88
CA ASN A 385 13.28 12.95 13.82
C ASN A 385 14.20 11.95 13.14
N GLU A 386 13.62 10.99 12.43
CA GLU A 386 14.39 9.94 11.82
C GLU A 386 15.06 10.54 10.62
N ARG A 387 16.27 10.06 10.33
CA ARG A 387 16.98 10.45 9.14
C ARG A 387 17.62 9.25 8.50
N ALA A 388 16.91 8.76 7.47
CA ALA A 388 17.19 7.50 6.80
C ALA A 388 17.72 7.73 5.37
N GLN A 389 18.70 6.90 4.98
CA GLN A 389 19.33 6.92 3.66
C GLN A 389 18.61 5.90 2.76
N VAL A 390 17.77 6.41 1.85
CA VAL A 390 17.10 5.61 0.83
C VAL A 390 17.87 5.80 -0.48
N ALA A 391 17.86 4.77 -1.33
CA ALA A 391 18.56 4.85 -2.62
C ALA A 391 18.01 3.94 -3.70
N LEU A 392 17.94 4.52 -4.91
CA LEU A 392 17.63 3.82 -6.15
C LEU A 392 18.16 4.63 -7.35
N VAL A 393 17.78 4.17 -8.55
CA VAL A 393 18.16 4.81 -9.80
C VAL A 393 16.88 5.19 -10.54
N ALA A 394 16.93 6.28 -11.29
CA ALA A 394 15.78 6.73 -12.09
C ALA A 394 15.40 5.74 -13.21
N ASP A 395 14.80 4.61 -12.80
CA ASP A 395 14.48 3.49 -13.71
C ASP A 395 13.45 3.88 -14.76
N ASN A 396 12.30 4.39 -14.31
CA ASN A 396 11.21 4.77 -15.20
C ASN A 396 11.31 6.28 -15.49
N PRO A 397 10.55 6.77 -16.47
CA PRO A 397 10.83 8.06 -17.06
C PRO A 397 10.07 9.19 -16.40
N GLY A 398 10.32 10.41 -16.86
CA GLY A 398 9.44 11.55 -16.65
C GLY A 398 8.88 11.71 -15.26
N THR A 399 7.82 12.51 -15.16
CA THR A 399 7.33 13.04 -13.88
C THR A 399 6.59 12.00 -13.01
N TRP A 400 7.32 11.46 -12.04
CA TRP A 400 6.73 10.55 -11.09
C TRP A 400 6.35 11.25 -9.83
N MET A 401 5.27 10.76 -9.23
CA MET A 401 4.66 11.29 -8.02
C MET A 401 5.11 10.60 -6.73
N PHE A 402 4.93 11.32 -5.65
CA PHE A 402 5.69 11.09 -4.44
C PHE A 402 5.31 12.02 -3.28
N HIS A 403 4.44 10.52 -1.85
CA HIS A 403 4.12 11.68 -1.01
C HIS A 403 3.71 11.02 0.29
N CYS A 404 3.30 11.80 1.32
CA CYS A 404 2.93 11.17 2.60
C CYS A 404 1.61 10.41 2.48
N HIS A 405 1.70 9.07 2.45
CA HIS A 405 0.54 8.24 2.11
C HIS A 405 -0.51 8.16 3.22
N VAL A 406 -0.25 8.83 4.35
CA VAL A 406 -1.35 9.26 5.21
C VAL A 406 -2.18 10.17 4.28
N ILE A 407 -3.23 9.57 3.72
CA ILE A 407 -3.99 10.15 2.59
C ILE A 407 -4.33 11.61 2.79
N ASP A 408 -4.63 11.97 4.03
CA ASP A 408 -5.03 13.32 4.38
C ASP A 408 -3.82 14.26 4.35
N HIS A 409 -2.72 13.77 4.90
CA HIS A 409 -1.47 14.49 4.87
C HIS A 409 -1.14 14.84 3.45
N MET A 410 -1.23 13.89 2.54
CA MET A 410 -1.22 14.23 1.14
C MET A 410 -2.32 15.28 0.89
N GLU A 411 -3.56 14.84 0.77
CA GLU A 411 -4.64 15.60 0.12
C GLU A 411 -4.30 17.05 -0.37
N THR A 412 -4.31 18.03 0.53
CA THR A 412 -4.19 19.46 0.13
C THR A 412 -2.80 20.15 0.18
N GLY A 413 -1.74 19.43 0.53
CA GLY A 413 -0.42 20.06 0.74
C GLY A 413 0.66 19.33 1.52
N LEU A 414 0.83 18.03 1.27
CA LEU A 414 2.06 17.27 1.69
C LEU A 414 2.44 16.19 0.61
N MET A 415 2.36 16.68 -0.63
CA MET A 415 2.68 16.01 -1.87
C MET A 415 3.84 16.81 -2.43
N ALA A 416 4.71 16.12 -3.16
CA ALA A 416 5.59 16.78 -4.15
C ALA A 416 6.06 15.75 -5.18
N ALA A 417 6.86 16.16 -6.17
CA ALA A 417 7.28 15.24 -7.26
C ALA A 417 8.50 15.64 -8.16
N ILE A 418 8.89 14.67 -9.02
CA ILE A 418 10.14 14.68 -9.80
C ILE A 418 10.11 13.85 -11.08
N ALA A 419 10.93 14.29 -12.05
CA ALA A 419 11.01 13.71 -13.39
C ALA A 419 12.42 13.25 -13.74
N VAL A 420 12.57 12.71 -14.97
CA VAL A 420 13.73 11.92 -15.40
C VAL A 420 14.26 12.39 -16.83
CU2 C2O B . -0.70 5.04 -3.18
CU3 C2O B . 0.43 7.84 -5.26
O1 C2O B . 0.36 7.04 -3.62
CU CU C . 1.95 4.64 -6.11
CU CU D . 1.65 11.53 7.29
#